data_4IU6
#
_entry.id   4IU6
#
_cell.length_a   47.303
_cell.length_b   77.344
_cell.length_c   47.821
_cell.angle_alpha   90.000
_cell.angle_beta   91.490
_cell.angle_gamma   90.000
#
_symmetry.space_group_name_H-M   'P 1 21 1'
#
loop_
_entity.id
_entity.type
_entity.pdbx_description
1 polymer 'Methionine aminopeptidase 1'
2 non-polymer 'COBALT (II) ION'
3 non-polymer 'POTASSIUM ION'
4 non-polymer 4-[4-(4-methoxyphenyl)piperazin-1-yl]-2-(pyridin-2-yl)quinazoline
5 non-polymer 'SULFATE ION'
6 water water
#
_entity_poly.entity_id   1
_entity_poly.type   'polypeptide(L)'
_entity_poly.pdbx_seq_one_letter_code
;MAAVETRVCETDGCSSEAKLQCPTCIKLGIQGSYFCSQECFKGSWATHKLLHKKAKDEKAKREVSSWTVEGDINTDPWAG
YRYTGKLRPHYPLMPTRPVPSYIQRPDYADHPLGMSESEQALKGTSQIKLLSSEDIEGMRLVCRLAREVLDVAAGMIKPG
VTTEEIDHAVHLACIARNCYPSPLNYYNFPKSCCTSVNEVICHGIPDRRPLQEGDIVNVDITLYRNGYHGDLNETFFVGE
VDDGARKLVQTTYECLMQAIDAVKPGVRYRELGNIIQKHAQANGFSVVRSYCGHGIHKLFHTAPNVPHYAKNKAVGVMKS
GHVFTIEPMICEGGWQDETWPDGWTAVTRDGKRSAQFEHTLLVTDTGCEILTRRLDSARPHFMS
;
_entity_poly.pdbx_strand_id   A
#
loop_
_chem_comp.id
_chem_comp.type
_chem_comp.name
_chem_comp.formula
CO non-polymer 'COBALT (II) ION' 'Co 2'
FZ1 non-polymer 4-[4-(4-methoxyphenyl)piperazin-1-yl]-2-(pyridin-2-yl)quinazoline 'C24 H23 N5 O'
K non-polymer 'POTASSIUM ION' 'K 1'
SO4 non-polymer 'SULFATE ION' 'O4 S -2'
#
# COMPACT_ATOMS: atom_id res chain seq x y z
N TYR A 81 -0.82 -25.90 8.40
CA TYR A 81 0.13 -24.87 7.88
C TYR A 81 1.36 -24.65 8.78
N ARG A 82 2.53 -24.64 8.16
CA ARG A 82 3.75 -24.31 8.89
C ARG A 82 4.07 -22.81 8.75
N TYR A 83 4.02 -22.09 9.87
CA TYR A 83 4.28 -20.65 9.87
C TYR A 83 5.76 -20.39 9.68
N THR A 84 6.08 -19.28 9.02
CA THR A 84 7.47 -18.98 8.63
C THR A 84 8.26 -18.26 9.73
N GLY A 85 7.55 -17.68 10.69
CA GLY A 85 8.18 -16.88 11.73
C GLY A 85 7.40 -16.98 13.02
N LYS A 86 7.59 -15.99 13.90
CA LYS A 86 6.87 -15.91 15.17
C LYS A 86 5.41 -15.50 15.10
N LEU A 87 5.05 -14.58 14.19
CA LEU A 87 3.68 -14.07 14.09
C LEU A 87 2.63 -15.16 13.87
N ARG A 88 1.45 -14.98 14.47
CA ARG A 88 0.30 -15.85 14.20
C ARG A 88 -0.91 -14.95 14.03
N PRO A 89 -1.94 -15.45 13.33
CA PRO A 89 -3.18 -14.67 13.31
C PRO A 89 -3.88 -14.80 14.66
N HIS A 90 -4.59 -13.74 15.06
CA HIS A 90 -5.32 -13.71 16.32
C HIS A 90 -6.82 -13.59 16.08
N TYR A 91 -7.50 -14.74 16.12
CA TYR A 91 -8.93 -14.86 15.83
C TYR A 91 -9.72 -14.90 17.13
N PRO A 92 -11.05 -14.66 17.07
CA PRO A 92 -11.82 -14.37 15.87
C PRO A 92 -11.67 -12.89 15.47
N LEU A 93 -12.04 -12.58 14.22
CA LEU A 93 -12.10 -11.21 13.79
C LEU A 93 -13.44 -10.67 14.25
N MET A 94 -13.48 -9.43 14.75
CA MET A 94 -14.75 -8.74 15.01
C MET A 94 -15.60 -8.82 13.74
N PRO A 95 -16.94 -8.82 13.88
CA PRO A 95 -17.81 -8.93 12.68
C PRO A 95 -17.58 -7.80 11.65
N THR A 96 -17.81 -8.06 10.35
CA THR A 96 -17.50 -7.05 9.35
C THR A 96 -18.18 -5.75 9.68
N ARG A 97 -17.47 -4.65 9.42
CA ARG A 97 -17.95 -3.30 9.75
C ARG A 97 -18.74 -2.75 8.58
N PRO A 98 -19.99 -2.32 8.83
CA PRO A 98 -20.78 -1.83 7.71
C PRO A 98 -20.35 -0.41 7.32
N VAL A 99 -20.63 -0.03 6.08
CA VAL A 99 -20.41 1.31 5.61
C VAL A 99 -21.80 1.93 5.33
N PRO A 100 -22.13 3.06 6.00
CA PRO A 100 -23.48 3.64 5.83
C PRO A 100 -23.85 3.80 4.38
N SER A 101 -25.09 3.49 4.06
CA SER A 101 -25.58 3.54 2.67
C SER A 101 -25.34 4.84 1.95
N TYR A 102 -25.20 5.97 2.65
CA TYR A 102 -24.97 7.24 1.95
C TYR A 102 -23.60 7.41 1.27
N ILE A 103 -22.60 6.66 1.75
CA ILE A 103 -21.27 6.63 1.14
C ILE A 103 -21.32 5.89 -0.18
N GLN A 104 -20.85 6.55 -1.25
CA GLN A 104 -20.80 5.93 -2.58
C GLN A 104 -19.87 4.68 -2.55
N ARG A 105 -20.36 3.59 -3.14
CA ARG A 105 -19.68 2.29 -3.09
C ARG A 105 -19.02 1.92 -4.42
N PRO A 106 -17.82 1.33 -4.37
CA PRO A 106 -17.27 0.78 -5.61
C PRO A 106 -18.07 -0.47 -6.08
N ASP A 107 -18.00 -0.78 -7.37
CA ASP A 107 -18.72 -1.96 -7.93
C ASP A 107 -18.56 -3.27 -7.15
N TYR A 108 -17.38 -3.55 -6.62
CA TYR A 108 -17.16 -4.83 -5.89
C TYR A 108 -17.74 -4.90 -4.47
N ALA A 109 -18.09 -3.73 -3.89
CA ALA A 109 -18.61 -3.65 -2.52
C ALA A 109 -19.79 -4.58 -2.27
N ASP A 110 -20.63 -4.77 -3.27
CA ASP A 110 -21.81 -5.62 -3.11
C ASP A 110 -21.76 -6.93 -3.88
N HIS A 111 -20.72 -7.10 -4.68
CA HIS A 111 -20.50 -8.38 -5.39
C HIS A 111 -20.28 -9.48 -4.33
N PRO A 112 -20.95 -10.66 -4.50
CA PRO A 112 -20.81 -11.74 -3.52
C PRO A 112 -19.37 -12.24 -3.27
N LEU A 113 -18.54 -12.27 -4.31
CA LEU A 113 -17.14 -12.66 -4.15
C LEU A 113 -16.23 -11.45 -4.14
N GLY A 114 -16.84 -10.26 -4.11
CA GLY A 114 -16.10 -9.01 -4.14
C GLY A 114 -15.30 -8.79 -5.40
N MET A 115 -15.79 -9.33 -6.51
CA MET A 115 -15.14 -9.11 -7.81
C MET A 115 -15.47 -7.76 -8.39
N SER A 116 -14.51 -7.16 -9.07
CA SER A 116 -14.74 -5.89 -9.71
C SER A 116 -14.96 -6.07 -11.20
N GLU A 117 -16.20 -5.92 -11.63
CA GLU A 117 -16.56 -6.02 -13.05
C GLU A 117 -15.71 -5.07 -13.90
N SER A 118 -15.64 -3.80 -13.48
CA SER A 118 -14.90 -2.80 -14.23
C SER A 118 -13.40 -3.12 -14.33
N GLU A 119 -12.85 -3.79 -13.32
CA GLU A 119 -11.46 -4.25 -13.38
C GLU A 119 -11.28 -5.45 -14.31
N GLN A 120 -12.14 -6.45 -14.15
CA GLN A 120 -12.01 -7.70 -14.89
C GLN A 120 -12.23 -7.55 -16.39
N ALA A 121 -13.06 -6.58 -16.76
CA ALA A 121 -13.31 -6.20 -18.15
C ALA A 121 -12.06 -5.66 -18.83
N LEU A 122 -11.07 -5.28 -18.02
CA LEU A 122 -9.79 -4.82 -18.55
C LEU A 122 -8.62 -5.76 -18.24
N LYS A 123 -8.91 -6.93 -17.65
CA LYS A 123 -7.84 -7.88 -17.37
C LYS A 123 -7.14 -8.28 -18.67
N GLY A 124 -5.81 -8.18 -18.65
CA GLY A 124 -4.98 -8.54 -19.82
C GLY A 124 -4.67 -7.35 -20.72
N THR A 125 -5.09 -6.17 -20.29
CA THR A 125 -4.87 -4.92 -21.04
C THR A 125 -3.58 -4.19 -20.62
N SER A 126 -2.85 -3.69 -21.61
CA SER A 126 -1.61 -2.96 -21.39
C SER A 126 -1.83 -1.46 -21.46
N GLN A 127 -2.95 -1.06 -22.07
CA GLN A 127 -3.25 0.34 -22.31
C GLN A 127 -3.47 1.13 -21.02
N ILE A 128 -2.77 2.25 -20.89
CA ILE A 128 -2.80 3.07 -19.69
C ILE A 128 -3.69 4.29 -19.92
N LYS A 129 -4.65 4.50 -19.04
CA LYS A 129 -5.51 5.68 -19.12
C LYS A 129 -4.70 6.99 -19.07
N LEU A 130 -5.17 7.97 -19.84
CA LEU A 130 -4.67 9.34 -19.72
C LEU A 130 -5.76 10.14 -19.04
N LEU A 131 -5.52 10.54 -17.80
CA LEU A 131 -6.54 11.20 -17.01
C LEU A 131 -6.92 12.58 -17.57
N SER A 132 -8.21 12.87 -17.50
CA SER A 132 -8.75 14.18 -17.86
C SER A 132 -8.56 15.13 -16.70
N SER A 133 -8.83 16.41 -16.93
CA SER A 133 -8.73 17.43 -15.88
C SER A 133 -9.62 17.16 -14.67
N GLU A 134 -10.86 16.70 -14.91
CA GLU A 134 -11.75 16.31 -13.82
C GLU A 134 -11.22 15.03 -13.09
N ASP A 135 -10.60 14.14 -13.86
CA ASP A 135 -9.99 12.92 -13.31
C ASP A 135 -8.88 13.32 -12.32
N ILE A 136 -7.98 14.20 -12.76
CA ILE A 136 -6.90 14.73 -11.93
C ILE A 136 -7.40 15.42 -10.64
N GLU A 137 -8.40 16.28 -10.77
CA GLU A 137 -9.01 16.87 -9.57
C GLU A 137 -9.60 15.82 -8.64
N GLY A 138 -10.24 14.81 -9.21
CA GLY A 138 -10.83 13.72 -8.42
C GLY A 138 -9.72 12.94 -7.71
N MET A 139 -8.62 12.72 -8.43
CA MET A 139 -7.48 12.02 -7.82
C MET A 139 -6.80 12.82 -6.72
N ARG A 140 -6.64 14.13 -6.94
CA ARG A 140 -6.08 15.01 -5.90
C ARG A 140 -6.87 14.99 -4.62
N LEU A 141 -8.21 15.03 -4.73
CA LEU A 141 -9.03 15.03 -3.51
C LEU A 141 -8.91 13.70 -2.74
N VAL A 142 -9.13 12.58 -3.43
CA VAL A 142 -9.13 11.29 -2.71
C VAL A 142 -7.76 10.93 -2.14
N CYS A 143 -6.69 11.30 -2.86
CA CYS A 143 -5.34 10.99 -2.37
C CYS A 143 -4.99 11.88 -1.16
N ARG A 144 -5.51 13.11 -1.14
CA ARG A 144 -5.36 13.98 0.05
C ARG A 144 -6.10 13.39 1.28
N LEU A 145 -7.31 12.89 1.05
CA LEU A 145 -8.11 12.33 2.11
C LEU A 145 -7.48 11.03 2.65
N ALA A 146 -6.93 10.24 1.73
CA ALA A 146 -6.26 9.00 2.10
C ALA A 146 -5.05 9.31 3.02
N ARG A 147 -4.32 10.37 2.71
CA ARG A 147 -3.18 10.76 3.54
C ARG A 147 -3.65 11.15 4.94
N GLU A 148 -4.75 11.90 5.03
CA GLU A 148 -5.33 12.25 6.32
C GLU A 148 -5.65 10.99 7.13
N VAL A 149 -6.19 10.00 6.46
CA VAL A 149 -6.52 8.74 7.13
C VAL A 149 -5.26 7.96 7.55
N LEU A 150 -4.25 7.92 6.70
CA LEU A 150 -3.00 7.27 7.13
C LEU A 150 -2.44 7.96 8.38
N ASP A 151 -2.47 9.29 8.40
CA ASP A 151 -1.99 10.06 9.54
C ASP A 151 -2.74 9.72 10.82
N VAL A 152 -4.06 9.52 10.75
CA VAL A 152 -4.83 8.97 11.88
C VAL A 152 -4.25 7.64 12.44
N ALA A 153 -4.00 6.68 11.56
CA ALA A 153 -3.43 5.39 11.94
C ALA A 153 -2.04 5.51 12.60
N ALA A 154 -1.18 6.34 12.02
CA ALA A 154 0.14 6.66 12.54
C ALA A 154 0.08 7.09 14.01
N GLY A 155 -0.92 7.92 14.34
CA GLY A 155 -1.13 8.43 15.70
C GLY A 155 -1.37 7.36 16.74
N MET A 156 -1.85 6.20 16.29
CA MET A 156 -2.20 5.10 17.20
C MET A 156 -1.16 4.02 17.37
N ILE A 157 -0.05 4.17 16.65
CA ILE A 157 0.94 3.12 16.64
C ILE A 157 1.71 3.18 17.96
N LYS A 158 1.33 2.31 18.89
CA LYS A 158 2.06 2.16 20.13
C LYS A 158 1.90 0.72 20.65
N PRO A 159 2.82 0.28 21.53
CA PRO A 159 2.65 -1.05 22.13
C PRO A 159 1.27 -1.28 22.78
N GLY A 160 0.71 -2.46 22.58
CA GLY A 160 -0.55 -2.84 23.22
C GLY A 160 -1.80 -2.57 22.39
N VAL A 161 -1.71 -1.65 21.41
CA VAL A 161 -2.84 -1.38 20.51
C VAL A 161 -2.94 -2.54 19.53
N THR A 162 -4.15 -3.07 19.32
CA THR A 162 -4.28 -4.17 18.34
C THR A 162 -4.43 -3.59 16.95
N THR A 163 -4.11 -4.39 15.95
CA THR A 163 -4.30 -3.94 14.56
C THR A 163 -5.79 -3.76 14.23
N GLU A 164 -6.66 -4.56 14.84
CA GLU A 164 -8.11 -4.37 14.70
C GLU A 164 -8.60 -2.98 15.17
N GLU A 165 -8.00 -2.49 16.25
CA GLU A 165 -8.27 -1.16 16.81
C GLU A 165 -7.87 -0.08 15.82
N ILE A 166 -6.69 -0.25 15.20
CA ILE A 166 -6.24 0.61 14.10
CA ILE A 166 -6.26 0.66 14.15
C ILE A 166 -7.27 0.63 12.97
N ASP A 167 -7.66 -0.56 12.57
CA ASP A 167 -8.61 -0.73 11.49
C ASP A 167 -9.95 -0.06 11.83
N HIS A 168 -10.38 -0.16 13.10
CA HIS A 168 -11.64 0.47 13.49
C HIS A 168 -11.58 2.00 13.32
N ALA A 169 -10.49 2.60 13.78
CA ALA A 169 -10.25 4.05 13.66
C ALA A 169 -10.16 4.48 12.20
N VAL A 170 -9.46 3.68 11.39
CA VAL A 170 -9.34 3.92 9.96
C VAL A 170 -10.74 3.86 9.28
N HIS A 171 -11.51 2.81 9.57
CA HIS A 171 -12.88 2.65 9.05
C HIS A 171 -13.71 3.93 9.33
N LEU A 172 -13.75 4.37 10.58
CA LEU A 172 -14.50 5.59 10.95
C LEU A 172 -13.97 6.87 10.29
N ALA A 173 -12.64 6.97 10.13
CA ALA A 173 -12.01 8.12 9.48
C ALA A 173 -12.33 8.25 7.99
N CYS A 174 -12.42 7.10 7.29
CA CYS A 174 -12.87 7.08 5.90
C CYS A 174 -14.31 7.61 5.84
N ILE A 175 -15.18 7.07 6.70
CA ILE A 175 -16.62 7.42 6.73
C ILE A 175 -16.80 8.92 7.01
N ALA A 176 -16.07 9.42 8.02
CA ALA A 176 -16.08 10.85 8.38
C ALA A 176 -15.72 11.77 7.22
N ARG A 177 -14.98 11.23 6.22
CA ARG A 177 -14.54 11.98 5.05
C ARG A 177 -15.33 11.63 3.83
N ASN A 178 -16.50 11.00 4.04
CA ASN A 178 -17.42 10.59 2.98
CA ASN A 178 -17.42 10.68 2.94
C ASN A 178 -16.73 9.73 1.94
N CYS A 179 -15.92 8.81 2.48
CA CYS A 179 -15.18 7.88 1.64
C CYS A 179 -15.44 6.43 2.01
N TYR A 180 -15.47 5.57 0.99
CA TYR A 180 -15.54 4.13 1.20
C TYR A 180 -14.09 3.59 1.43
N PRO A 181 -13.86 2.71 2.43
CA PRO A 181 -12.54 2.08 2.56
C PRO A 181 -12.33 1.00 1.49
N SER A 182 -11.58 1.36 0.44
CA SER A 182 -11.41 0.50 -0.74
C SER A 182 -11.12 -0.99 -0.53
N PRO A 183 -10.27 -1.36 0.46
CA PRO A 183 -9.99 -2.79 0.65
C PRO A 183 -11.21 -3.62 1.11
N LEU A 184 -12.19 -2.96 1.70
CA LEU A 184 -13.30 -3.66 2.34
C LEU A 184 -14.15 -4.39 1.32
N ASN A 185 -14.16 -5.72 1.44
CA ASN A 185 -14.80 -6.65 0.50
C ASN A 185 -14.18 -6.69 -0.90
N TYR A 186 -12.99 -6.13 -1.06
CA TYR A 186 -12.32 -6.20 -2.35
C TYR A 186 -11.84 -7.64 -2.46
N TYR A 187 -12.41 -8.36 -3.41
CA TYR A 187 -12.18 -9.81 -3.51
C TYR A 187 -12.36 -10.48 -2.14
N ASN A 188 -13.39 -10.04 -1.40
CA ASN A 188 -13.75 -10.55 -0.07
C ASN A 188 -12.74 -10.27 1.06
N PHE A 189 -11.76 -9.41 0.83
CA PHE A 189 -10.90 -8.95 1.94
C PHE A 189 -11.81 -8.46 3.09
N PRO A 190 -11.56 -8.92 4.34
CA PRO A 190 -12.56 -8.69 5.39
C PRO A 190 -12.49 -7.33 6.14
N LYS A 191 -11.44 -6.53 5.93
CA LYS A 191 -11.21 -5.35 6.75
C LYS A 191 -11.05 -4.10 5.88
N SER A 192 -10.80 -2.97 6.52
CA SER A 192 -10.84 -1.67 5.84
C SER A 192 -9.45 -1.13 5.46
N CYS A 193 -8.40 -1.83 5.89
CA CYS A 193 -6.99 -1.46 5.61
C CYS A 193 -6.16 -2.72 5.83
N CYS A 194 -4.88 -2.68 5.44
CA CYS A 194 -3.96 -3.81 5.63
C CYS A 194 -2.91 -3.42 6.66
N THR A 195 -2.67 -4.31 7.62
CA THR A 195 -1.69 -4.08 8.69
C THR A 195 -0.69 -5.23 8.66
N SER A 196 0.53 -4.92 8.28
CA SER A 196 1.52 -5.95 7.98
C SER A 196 2.71 -5.81 8.90
N VAL A 197 2.74 -6.67 9.92
CA VAL A 197 3.74 -6.64 11.01
C VAL A 197 4.96 -7.52 10.67
N ASN A 198 6.17 -7.02 10.90
CA ASN A 198 7.43 -7.83 10.81
C ASN A 198 7.58 -8.64 9.52
N GLU A 199 7.46 -9.96 9.59
CA GLU A 199 7.63 -10.83 8.38
C GLU A 199 6.48 -10.77 7.39
N VAL A 200 5.36 -10.13 7.75
CA VAL A 200 4.30 -9.91 6.73
C VAL A 200 4.78 -8.87 5.75
N ILE A 201 4.83 -9.28 4.48
CA ILE A 201 5.21 -8.43 3.37
C ILE A 201 4.09 -7.44 3.04
N CYS A 202 2.87 -7.96 3.00
CA CYS A 202 1.69 -7.16 2.66
C CYS A 202 0.41 -7.91 2.93
N HIS A 203 -0.70 -7.18 2.89
CA HIS A 203 -2.04 -7.77 2.98
C HIS A 203 -2.34 -8.49 4.29
N GLY A 204 -1.65 -8.05 5.36
CA GLY A 204 -1.99 -8.51 6.69
C GLY A 204 -3.39 -8.06 7.05
N ILE A 205 -4.14 -8.97 7.66
CA ILE A 205 -5.54 -8.73 8.03
C ILE A 205 -5.56 -8.25 9.48
N PRO A 206 -6.06 -7.03 9.71
CA PRO A 206 -6.18 -6.52 11.09
C PRO A 206 -6.90 -7.51 12.03
N ASP A 207 -6.31 -7.79 13.20
CA ASP A 207 -6.86 -8.81 14.11
C ASP A 207 -6.60 -8.47 15.59
N ARG A 208 -6.69 -9.47 16.48
CA ARG A 208 -6.67 -9.20 17.93
C ARG A 208 -5.27 -9.11 18.50
N ARG A 209 -4.25 -9.31 17.68
CA ARG A 209 -2.88 -9.23 18.19
C ARG A 209 -2.48 -7.80 18.60
N PRO A 210 -2.14 -7.61 19.90
CA PRO A 210 -1.64 -6.31 20.33
C PRO A 210 -0.23 -6.11 19.76
N LEU A 211 0.05 -4.89 19.30
CA LEU A 211 1.39 -4.57 18.81
C LEU A 211 2.40 -4.68 19.96
N GLN A 212 3.59 -5.16 19.62
CA GLN A 212 4.62 -5.43 20.62
C GLN A 212 5.77 -4.47 20.40
N GLU A 213 6.33 -3.93 21.49
CA GLU A 213 7.52 -3.05 21.36
C GLU A 213 8.65 -3.76 20.60
N GLY A 214 9.27 -3.07 19.64
CA GLY A 214 10.23 -3.69 18.72
C GLY A 214 9.66 -4.05 17.35
N ASP A 215 8.34 -4.17 17.27
CA ASP A 215 7.67 -4.50 16.00
C ASP A 215 7.88 -3.36 15.00
N ILE A 216 7.86 -3.71 13.72
CA ILE A 216 7.61 -2.76 12.67
C ILE A 216 6.30 -3.18 12.05
N VAL A 217 5.54 -2.17 11.60
CA VAL A 217 4.20 -2.38 11.04
C VAL A 217 3.86 -1.38 9.93
N ASN A 218 3.49 -1.94 8.79
CA ASN A 218 2.95 -1.19 7.69
C ASN A 218 1.41 -1.13 7.77
N VAL A 219 0.86 0.07 7.55
CA VAL A 219 -0.56 0.23 7.38
C VAL A 219 -0.73 0.74 5.98
N ASP A 220 -1.54 0.03 5.21
CA ASP A 220 -1.78 0.40 3.83
C ASP A 220 -3.27 0.84 3.70
N ILE A 221 -3.44 2.06 3.25
CA ILE A 221 -4.70 2.79 3.18
C ILE A 221 -5.09 3.00 1.72
N THR A 222 -6.33 2.68 1.38
CA THR A 222 -6.91 3.15 0.12
C THR A 222 -8.36 3.62 0.34
N LEU A 223 -8.68 4.80 -0.19
CA LEU A 223 -10.01 5.38 -0.07
C LEU A 223 -10.66 5.49 -1.43
N TYR A 224 -11.99 5.54 -1.43
CA TYR A 224 -12.77 5.64 -2.66
C TYR A 224 -13.77 6.80 -2.50
N ARG A 225 -13.70 7.77 -3.40
CA ARG A 225 -14.51 9.00 -3.33
C ARG A 225 -14.84 9.43 -4.75
N ASN A 226 -16.14 9.62 -5.02
CA ASN A 226 -16.60 10.13 -6.32
C ASN A 226 -16.06 9.34 -7.51
N GLY A 227 -15.96 8.02 -7.33
CA GLY A 227 -15.50 7.15 -8.38
C GLY A 227 -14.00 6.93 -8.45
N TYR A 228 -13.22 7.56 -7.57
CA TYR A 228 -11.75 7.49 -7.64
C TYR A 228 -11.12 6.89 -6.38
N HIS A 229 -10.06 6.11 -6.58
CA HIS A 229 -9.28 5.51 -5.49
C HIS A 229 -7.95 6.24 -5.23
N GLY A 230 -7.59 6.38 -3.94
CA GLY A 230 -6.30 6.97 -3.55
C GLY A 230 -5.58 6.10 -2.52
N ASP A 231 -4.28 5.86 -2.74
CA ASP A 231 -3.62 4.68 -2.22
C ASP A 231 -2.21 5.07 -1.69
N LEU A 232 -1.99 4.84 -0.40
CA LEU A 232 -0.66 5.05 0.18
C LEU A 232 -0.37 4.11 1.37
N ASN A 233 0.90 3.93 1.66
CA ASN A 233 1.27 3.20 2.87
C ASN A 233 2.57 3.69 3.45
N GLU A 234 2.75 3.43 4.75
CA GLU A 234 4.03 3.68 5.39
C GLU A 234 4.29 2.58 6.44
N THR A 235 5.57 2.28 6.67
CA THR A 235 5.96 1.39 7.78
C THR A 235 6.26 2.26 9.01
N PHE A 236 5.86 1.77 10.19
CA PHE A 236 6.05 2.48 11.46
C PHE A 236 6.86 1.67 12.44
N PHE A 237 7.44 2.36 13.39
CA PHE A 237 8.08 1.70 14.54
C PHE A 237 7.11 1.60 15.72
N VAL A 238 7.13 0.46 16.42
CA VAL A 238 6.37 0.31 17.68
C VAL A 238 7.36 0.46 18.83
N GLY A 239 7.32 1.60 19.51
CA GLY A 239 8.28 1.91 20.55
C GLY A 239 9.66 1.97 19.95
N GLU A 240 10.63 1.44 20.69
CA GLU A 240 12.02 1.42 20.28
C GLU A 240 12.29 0.14 19.53
N VAL A 241 12.98 0.26 18.42
CA VAL A 241 13.26 -0.85 17.54
C VAL A 241 14.76 -1.03 17.48
N ASP A 242 15.19 -2.21 17.06
CA ASP A 242 16.62 -2.51 16.93
C ASP A 242 17.24 -1.92 15.64
N ASP A 243 18.57 -1.90 15.59
CA ASP A 243 19.31 -1.25 14.50
C ASP A 243 18.94 -1.76 13.10
N GLY A 244 18.70 -3.06 12.99
CA GLY A 244 18.32 -3.69 11.73
C GLY A 244 16.97 -3.24 11.22
N ALA A 245 16.03 -3.01 12.13
CA ALA A 245 14.69 -2.49 11.82
C ALA A 245 14.81 -1.07 11.26
N ARG A 246 15.61 -0.23 11.93
CA ARG A 246 15.90 1.13 11.42
C ARG A 246 16.52 1.14 10.06
N LYS A 247 17.51 0.28 9.85
CA LYS A 247 18.18 0.19 8.54
C LYS A 247 17.23 -0.29 7.44
N LEU A 248 16.41 -1.29 7.75
CA LEU A 248 15.46 -1.82 6.77
C LEU A 248 14.41 -0.76 6.36
N VAL A 249 13.90 -0.04 7.34
CA VAL A 249 12.81 0.92 7.13
C VAL A 249 13.36 2.13 6.38
N GLN A 250 14.50 2.65 6.84
CA GLN A 250 15.18 3.76 6.11
C GLN A 250 15.45 3.42 4.65
N THR A 251 16.01 2.23 4.41
CA THR A 251 16.40 1.83 3.04
C THR A 251 15.20 1.67 2.13
N THR A 252 14.12 1.08 2.67
CA THR A 252 12.88 0.90 1.91
C THR A 252 12.31 2.26 1.45
N TYR A 253 12.29 3.23 2.38
CA TYR A 253 11.85 4.60 2.08
C TYR A 253 12.72 5.27 1.01
N GLU A 254 14.04 5.18 1.18
CA GLU A 254 15.01 5.60 0.15
C GLU A 254 14.76 4.98 -1.21
N CYS A 255 14.50 3.68 -1.26
CA CYS A 255 14.16 3.01 -2.51
C CYS A 255 12.99 3.66 -3.22
N LEU A 256 11.94 3.93 -2.45
CA LEU A 256 10.73 4.53 -2.98
C LEU A 256 11.05 5.94 -3.53
N MET A 257 11.76 6.74 -2.75
CA MET A 257 12.03 8.15 -3.09
C MET A 257 12.98 8.25 -4.32
N GLN A 258 13.94 7.32 -4.42
CA GLN A 258 14.85 7.27 -5.57
C GLN A 258 14.10 6.90 -6.82
N ALA A 259 13.15 5.97 -6.69
CA ALA A 259 12.26 5.64 -7.82
C ALA A 259 11.36 6.81 -8.22
N ILE A 260 10.71 7.47 -7.26
CA ILE A 260 9.90 8.66 -7.52
C ILE A 260 10.69 9.74 -8.28
N ASP A 261 11.94 9.96 -7.85
CA ASP A 261 12.80 10.96 -8.46
C ASP A 261 13.07 10.73 -9.95
N ALA A 262 12.95 9.47 -10.39
CA ALA A 262 13.19 9.10 -11.79
C ALA A 262 11.93 9.23 -12.68
N VAL A 263 10.78 9.47 -12.06
CA VAL A 263 9.52 9.54 -12.80
C VAL A 263 9.39 10.87 -13.57
N LYS A 264 9.17 10.73 -14.88
CA LYS A 264 8.89 11.85 -15.79
C LYS A 264 8.49 11.23 -17.14
N PRO A 265 7.82 12.02 -18.00
CA PRO A 265 7.50 11.50 -19.34
C PRO A 265 8.71 10.92 -20.06
N GLY A 266 8.48 9.83 -20.80
CA GLY A 266 9.53 9.21 -21.59
C GLY A 266 10.29 8.09 -20.90
N VAL A 267 10.12 7.96 -19.58
CA VAL A 267 10.80 6.93 -18.80
C VAL A 267 9.98 5.62 -18.87
N ARG A 268 10.63 4.50 -19.15
CA ARG A 268 9.97 3.20 -19.17
C ARG A 268 9.61 2.75 -17.75
N TYR A 269 8.44 2.14 -17.59
CA TYR A 269 8.03 1.61 -16.26
C TYR A 269 9.02 0.57 -15.73
N ARG A 270 9.60 -0.24 -16.63
CA ARG A 270 10.55 -1.27 -16.21
C ARG A 270 11.83 -0.75 -15.53
N GLU A 271 12.11 0.53 -15.72
CA GLU A 271 13.33 1.13 -15.15
C GLU A 271 13.32 1.31 -13.62
N LEU A 272 12.15 1.58 -13.04
CA LEU A 272 12.03 1.86 -11.61
C LEU A 272 12.58 0.71 -10.77
N GLY A 273 12.24 -0.52 -11.18
CA GLY A 273 12.77 -1.75 -10.57
C GLY A 273 14.29 -1.86 -10.52
N ASN A 274 14.95 -1.42 -11.60
CA ASN A 274 16.42 -1.31 -11.58
C ASN A 274 16.93 -0.40 -10.46
N ILE A 275 16.33 0.78 -10.34
CA ILE A 275 16.71 1.76 -9.31
C ILE A 275 16.49 1.17 -7.91
N ILE A 276 15.28 0.63 -7.69
CA ILE A 276 14.91 0.06 -6.39
C ILE A 276 15.86 -1.06 -5.97
N GLN A 277 16.05 -2.06 -6.85
CA GLN A 277 16.89 -3.20 -6.49
C GLN A 277 18.36 -2.79 -6.23
N LYS A 278 18.90 -1.90 -7.07
CA LYS A 278 20.27 -1.42 -6.88
C LYS A 278 20.49 -0.87 -5.48
N HIS A 279 19.55 -0.05 -5.00
CA HIS A 279 19.66 0.49 -3.63
C HIS A 279 19.45 -0.59 -2.56
N ALA A 280 18.48 -1.47 -2.73
CA ALA A 280 18.23 -2.52 -1.74
C ALA A 280 19.44 -3.48 -1.63
N GLN A 281 19.92 -3.92 -2.78
CA GLN A 281 21.07 -4.83 -2.88
C GLN A 281 22.31 -4.24 -2.22
N ALA A 282 22.52 -2.93 -2.42
CA ALA A 282 23.63 -2.21 -1.81
C ALA A 282 23.56 -2.19 -0.28
N ASN A 283 22.37 -2.37 0.28
CA ASN A 283 22.23 -2.38 1.75
C ASN A 283 21.98 -3.75 2.35
N GLY A 284 22.21 -4.79 1.56
CA GLY A 284 22.11 -6.15 2.06
C GLY A 284 20.70 -6.72 2.02
N PHE A 285 19.80 -6.06 1.28
CA PHE A 285 18.36 -6.41 1.24
C PHE A 285 17.87 -6.97 -0.08
N SER A 286 16.80 -7.75 0.01
CA SER A 286 16.19 -8.36 -1.17
C SER A 286 14.87 -7.67 -1.52
N VAL A 287 14.40 -7.87 -2.74
CA VAL A 287 13.21 -7.20 -3.26
C VAL A 287 12.13 -8.24 -3.60
N VAL A 288 10.97 -8.10 -2.97
CA VAL A 288 9.83 -8.94 -3.27
C VAL A 288 9.43 -8.88 -4.76
N ARG A 289 9.15 -10.04 -5.33
CA ARG A 289 8.92 -10.18 -6.77
C ARG A 289 7.48 -10.44 -7.16
N SER A 290 6.70 -10.90 -6.20
CA SER A 290 5.36 -11.38 -6.45
C SER A 290 4.29 -10.30 -6.46
N TYR A 291 4.66 -9.11 -5.97
CA TYR A 291 3.73 -8.01 -5.80
C TYR A 291 4.33 -6.75 -6.41
N CYS A 292 3.49 -5.94 -7.05
CA CYS A 292 3.92 -4.84 -7.91
C CYS A 292 3.16 -3.55 -7.61
N GLY A 293 3.73 -2.42 -8.02
CA GLY A 293 2.96 -1.18 -8.06
C GLY A 293 1.94 -1.27 -9.20
N HIS A 294 1.03 -0.32 -9.25
CA HIS A 294 -0.18 -0.48 -10.08
C HIS A 294 -0.79 0.85 -10.51
N GLY A 295 -1.31 0.88 -11.73
CA GLY A 295 -2.22 1.96 -12.13
C GLY A 295 -3.38 2.03 -11.15
N ILE A 296 -3.86 3.24 -10.89
CA ILE A 296 -5.01 3.45 -10.04
C ILE A 296 -5.73 4.75 -10.43
N HIS A 297 -7.06 4.71 -10.46
CA HIS A 297 -7.90 5.88 -10.68
C HIS A 297 -9.36 5.50 -10.42
N LYS A 298 -10.13 5.27 -11.49
CA LYS A 298 -11.49 4.71 -11.35
C LYS A 298 -11.44 3.21 -11.01
N LEU A 299 -10.28 2.62 -11.23
CA LEU A 299 -10.01 1.24 -10.81
C LEU A 299 -9.03 1.25 -9.65
N PHE A 300 -9.15 0.27 -8.76
CA PHE A 300 -8.27 0.15 -7.57
C PHE A 300 -6.90 -0.30 -8.09
N HIS A 301 -6.87 -1.36 -8.90
CA HIS A 301 -5.63 -1.87 -9.47
C HIS A 301 -5.87 -2.08 -10.97
N THR A 302 -5.05 -1.45 -11.79
CA THR A 302 -5.15 -1.58 -13.24
C THR A 302 -3.78 -1.31 -13.86
N ALA A 303 -3.71 -1.21 -15.19
CA ALA A 303 -2.41 -0.93 -15.87
C ALA A 303 -1.86 0.48 -15.55
N PRO A 304 -0.52 0.64 -15.45
CA PRO A 304 0.51 -0.36 -15.65
C PRO A 304 0.78 -1.22 -14.42
N ASN A 305 1.32 -2.41 -14.68
CA ASN A 305 1.97 -3.22 -13.67
C ASN A 305 3.38 -2.68 -13.49
N VAL A 306 3.77 -2.46 -12.25
CA VAL A 306 5.09 -1.85 -11.95
C VAL A 306 5.93 -2.70 -10.99
N PRO A 307 6.75 -3.63 -11.52
CA PRO A 307 7.67 -4.42 -10.66
C PRO A 307 8.72 -3.55 -9.99
N HIS A 308 9.17 -4.01 -8.83
CA HIS A 308 10.16 -3.26 -8.04
C HIS A 308 11.57 -3.88 -8.14
N TYR A 309 11.70 -4.98 -8.87
CA TYR A 309 12.99 -5.65 -9.01
C TYR A 309 13.62 -5.37 -10.40
N ALA A 310 14.91 -5.68 -10.50
CA ALA A 310 15.72 -5.34 -11.67
C ALA A 310 15.48 -6.29 -12.83
N LYS A 311 15.66 -5.77 -14.04
CA LYS A 311 15.55 -6.56 -15.28
C LYS A 311 14.20 -7.22 -15.43
N ASN A 312 13.15 -6.51 -15.00
CA ASN A 312 11.79 -6.98 -15.11
C ASN A 312 11.29 -6.62 -16.49
N LYS A 313 10.19 -7.23 -16.92
CA LYS A 313 9.71 -7.02 -18.30
C LYS A 313 8.47 -6.12 -18.43
N ALA A 314 8.34 -5.15 -17.52
CA ALA A 314 7.18 -4.26 -17.52
C ALA A 314 6.98 -3.54 -18.84
N VAL A 315 5.72 -3.39 -19.20
CA VAL A 315 5.29 -2.83 -20.47
C VAL A 315 4.78 -1.42 -20.25
N GLY A 316 5.29 -0.47 -21.03
CA GLY A 316 4.75 0.88 -21.00
C GLY A 316 5.80 1.96 -20.82
N VAL A 317 5.42 3.15 -21.27
CA VAL A 317 6.29 4.32 -21.15
C VAL A 317 5.51 5.44 -20.46
N MET A 318 6.13 6.08 -19.47
CA MET A 318 5.48 7.19 -18.74
C MET A 318 5.14 8.37 -19.63
N LYS A 319 3.93 8.88 -19.44
CA LYS A 319 3.41 10.06 -20.11
C LYS A 319 2.69 10.94 -19.11
N SER A 320 2.74 12.25 -19.34
CA SER A 320 1.89 13.20 -18.61
C SER A 320 0.43 12.78 -18.52
N GLY A 321 -0.12 12.71 -17.32
CA GLY A 321 -1.51 12.25 -17.16
C GLY A 321 -1.66 10.80 -16.76
N HIS A 322 -0.53 10.07 -16.70
CA HIS A 322 -0.53 8.72 -16.11
C HIS A 322 -0.56 8.81 -14.59
N VAL A 323 -1.38 7.95 -13.96
CA VAL A 323 -1.44 7.83 -12.51
C VAL A 323 -1.22 6.38 -12.08
N PHE A 324 -0.23 6.18 -11.19
CA PHE A 324 0.16 4.85 -10.76
C PHE A 324 0.82 4.92 -9.39
N THR A 325 1.07 3.75 -8.80
CA THR A 325 1.75 3.65 -7.54
C THR A 325 3.11 3.04 -7.76
N ILE A 326 4.01 3.39 -6.85
CA ILE A 326 5.27 2.67 -6.61
C ILE A 326 5.21 2.29 -5.12
N GLU A 327 5.41 1.01 -4.83
CA GLU A 327 5.17 0.49 -3.47
C GLU A 327 6.13 -0.65 -3.08
N PRO A 328 7.45 -0.36 -3.06
CA PRO A 328 8.43 -1.44 -2.93
C PRO A 328 8.37 -2.15 -1.58
N MET A 329 8.38 -3.47 -1.63
CA MET A 329 8.51 -4.33 -0.47
C MET A 329 9.93 -4.92 -0.48
N ILE A 330 10.63 -4.70 0.63
CA ILE A 330 12.06 -4.98 0.75
C ILE A 330 12.24 -5.90 1.95
N CYS A 331 13.11 -6.89 1.84
CA CYS A 331 13.26 -7.89 2.92
C CYS A 331 14.68 -8.01 3.47
N GLU A 332 14.74 -8.27 4.77
CA GLU A 332 15.97 -8.54 5.49
C GLU A 332 16.75 -9.73 4.92
N GLY A 333 16.04 -10.83 4.66
CA GLY A 333 16.63 -12.04 4.08
C GLY A 333 16.31 -12.19 2.60
N GLY A 334 15.75 -13.32 2.22
CA GLY A 334 15.46 -13.59 0.80
C GLY A 334 14.19 -12.90 0.31
N TRP A 335 13.96 -12.99 -1.00
CA TRP A 335 12.87 -12.31 -1.70
C TRP A 335 11.60 -13.16 -1.74
N GLN A 336 11.72 -14.44 -1.38
CA GLN A 336 10.62 -15.40 -1.56
C GLN A 336 9.46 -15.12 -0.60
N ASP A 337 8.24 -15.26 -1.10
CA ASP A 337 7.04 -15.03 -0.33
C ASP A 337 6.13 -16.25 -0.40
N GLU A 338 5.29 -16.39 0.61
CA GLU A 338 4.17 -17.29 0.51
C GLU A 338 3.00 -16.69 1.25
N THR A 339 1.83 -17.30 1.07
CA THR A 339 0.57 -16.79 1.59
C THR A 339 0.03 -17.71 2.68
N TRP A 340 -0.36 -17.11 3.81
CA TRP A 340 -1.14 -17.81 4.84
C TRP A 340 -2.43 -18.46 4.30
N PRO A 341 -2.96 -19.47 5.03
CA PRO A 341 -4.23 -20.13 4.68
C PRO A 341 -5.43 -19.18 4.61
N ASP A 342 -5.36 -18.01 5.26
CA ASP A 342 -6.42 -17.01 5.09
C ASP A 342 -6.54 -16.49 3.64
N GLY A 343 -5.56 -16.79 2.80
CA GLY A 343 -5.63 -16.45 1.38
C GLY A 343 -5.14 -15.04 1.05
N TRP A 344 -4.71 -14.31 2.09
CA TRP A 344 -4.31 -12.90 1.95
C TRP A 344 -2.91 -12.60 2.47
N THR A 345 -2.62 -13.00 3.71
CA THR A 345 -1.41 -12.59 4.37
C THR A 345 -0.15 -13.15 3.70
N ALA A 346 0.63 -12.25 3.12
CA ALA A 346 1.86 -12.60 2.37
C ALA A 346 3.02 -12.43 3.32
N VAL A 347 3.83 -13.49 3.45
CA VAL A 347 4.91 -13.49 4.44
C VAL A 347 6.23 -13.92 3.77
N THR A 348 7.36 -13.50 4.36
CA THR A 348 8.67 -14.00 3.91
C THR A 348 8.69 -15.50 4.18
N ARG A 349 9.27 -16.27 3.28
CA ARG A 349 9.38 -17.72 3.50
C ARG A 349 10.43 -18.03 4.59
N ASP A 350 11.40 -17.14 4.75
CA ASP A 350 12.39 -17.32 5.81
C ASP A 350 12.00 -16.72 7.17
N GLY A 351 10.85 -16.06 7.24
CA GLY A 351 10.37 -15.45 8.47
C GLY A 351 11.11 -14.21 8.88
N LYS A 352 11.97 -13.70 8.01
CA LYS A 352 12.64 -12.44 8.33
C LYS A 352 11.74 -11.23 8.01
N ARG A 353 12.14 -10.06 8.49
CA ARG A 353 11.28 -8.85 8.40
C ARG A 353 11.27 -8.21 7.03
N SER A 354 10.14 -7.53 6.72
CA SER A 354 9.92 -6.87 5.41
C SER A 354 9.29 -5.50 5.68
N ALA A 355 9.60 -4.50 4.85
CA ALA A 355 9.03 -3.17 5.04
C ALA A 355 8.59 -2.64 3.67
N GLN A 356 7.70 -1.65 3.67
CA GLN A 356 7.09 -1.17 2.44
C GLN A 356 6.72 0.31 2.63
N PHE A 357 6.85 1.09 1.56
CA PHE A 357 6.32 2.46 1.52
C PHE A 357 5.63 2.62 0.19
N GLU A 358 4.65 3.51 0.10
CA GLU A 358 3.86 3.66 -1.14
C GLU A 358 3.37 5.08 -1.27
N HIS A 359 3.42 5.61 -2.53
CA HIS A 359 2.73 6.82 -2.88
C HIS A 359 1.93 6.56 -4.16
N THR A 360 0.88 7.36 -4.38
CA THR A 360 0.19 7.40 -5.69
C THR A 360 0.81 8.64 -6.39
N LEU A 361 1.21 8.45 -7.66
CA LEU A 361 1.92 9.49 -8.39
C LEU A 361 1.14 9.89 -9.64
N LEU A 362 1.22 11.17 -9.97
CA LEU A 362 0.74 11.67 -11.26
C LEU A 362 1.92 12.18 -12.08
N VAL A 363 2.11 11.63 -13.26
CA VAL A 363 3.16 12.12 -14.17
C VAL A 363 2.73 13.47 -14.76
N THR A 364 3.64 14.44 -14.65
CA THR A 364 3.42 15.82 -15.10
C THR A 364 4.53 16.14 -16.10
N ASP A 365 4.54 17.36 -16.66
CA ASP A 365 5.56 17.68 -17.67
C ASP A 365 6.96 17.79 -17.08
N THR A 366 7.07 18.34 -15.87
CA THR A 366 8.38 18.46 -15.21
C THR A 366 8.86 17.16 -14.52
N GLY A 367 7.95 16.24 -14.25
CA GLY A 367 8.30 15.00 -13.57
C GLY A 367 7.05 14.31 -13.09
N CYS A 368 6.71 14.53 -11.83
CA CYS A 368 5.51 13.93 -11.25
C CYS A 368 5.08 14.67 -9.99
N GLU A 369 3.78 14.60 -9.72
CA GLU A 369 3.15 15.12 -8.53
C GLU A 369 2.88 13.95 -7.58
N ILE A 370 3.30 14.07 -6.33
CA ILE A 370 3.07 13.01 -5.34
C ILE A 370 1.74 13.31 -4.67
N LEU A 371 0.67 12.65 -5.12
CA LEU A 371 -0.69 12.97 -4.72
C LEU A 371 -0.98 12.65 -3.26
N THR A 372 -0.20 11.73 -2.68
CA THR A 372 -0.41 11.23 -1.31
C THR A 372 0.64 11.80 -0.35
N ARG A 373 1.37 12.83 -0.78
CA ARG A 373 2.35 13.50 0.09
C ARG A 373 1.71 14.08 1.35
N ARG A 374 2.51 14.23 2.39
CA ARG A 374 2.14 15.02 3.55
C ARG A 374 2.19 16.46 3.11
N LEU A 375 1.24 17.28 3.57
CA LEU A 375 1.16 18.68 3.16
C LEU A 375 1.78 19.62 4.21
N ASP A 376 2.03 19.08 5.38
CA ASP A 376 2.34 19.86 6.58
C ASP A 376 3.57 19.33 7.30
N SER A 377 4.30 18.41 6.66
CA SER A 377 5.53 17.88 7.27
C SER A 377 6.42 17.30 6.21
N ALA A 378 7.71 17.54 6.39
CA ALA A 378 8.70 17.22 5.39
C ALA A 378 8.98 15.72 5.27
N ARG A 379 8.64 14.97 6.32
CA ARG A 379 9.15 13.58 6.43
C ARG A 379 8.07 12.55 6.78
N PRO A 380 8.31 11.26 6.46
CA PRO A 380 7.38 10.21 6.90
C PRO A 380 7.43 10.05 8.42
N HIS A 381 6.43 9.40 8.99
CA HIS A 381 6.28 9.29 10.44
C HIS A 381 7.43 8.63 11.17
N PHE A 382 8.04 7.60 10.57
CA PHE A 382 9.10 6.85 11.27
C PHE A 382 10.33 7.72 11.59
N MET A 383 10.47 8.85 10.91
CA MET A 383 11.58 9.78 11.13
CA MET A 383 11.59 9.76 11.14
C MET A 383 11.31 10.80 12.24
N SER A 384 10.04 10.93 12.61
CA SER A 384 9.62 12.08 13.43
C SER A 384 8.62 11.72 14.51
CO CO B . -1.09 0.29 -4.10
CO CO C . -1.71 0.36 -1.07
CO CO D . -2.83 -4.56 -1.99
K K E . 6.06 -5.85 7.46
C52 FZ1 F . -9.07 -12.98 -12.63
O31 FZ1 F . -9.57 -12.03 -11.69
C50 FZ1 F . -8.77 -11.53 -10.70
C43 FZ1 F . -8.29 -10.22 -10.80
C4 FZ1 F . -7.48 -9.70 -9.79
C5 FZ1 F . -7.16 -10.51 -8.69
C1 FZ1 F . -7.65 -11.83 -8.58
C42 FZ1 F . -8.46 -12.33 -9.60
N6 FZ1 F . -6.35 -9.98 -7.67
C2 FZ1 F . -4.91 -9.80 -7.87
C7 FZ1 F . -4.75 -8.27 -7.88
N9 FZ1 F . -5.43 -7.74 -6.69
C8 FZ1 F . -6.83 -8.08 -6.43
C3 FZ1 F . -6.95 -9.59 -6.39
C22 FZ1 F . -4.74 -6.90 -5.79
N23 FZ1 F . -5.20 -6.73 -4.55
C24 FZ1 F . -4.53 -5.97 -3.61
C28 FZ1 F . -5.20 -5.83 -2.34
C29 FZ1 F . -6.38 -6.55 -2.12
C30 FZ1 F . -7.07 -6.40 -0.92
C31 FZ1 F . -6.50 -5.47 -0.05
C32 FZ1 F . -5.34 -4.73 -0.37
N33 FZ1 F . -4.64 -4.90 -1.53
N25 FZ1 F . -3.39 -5.22 -3.73
C26 FZ1 F . -2.84 -5.33 -5.00
C27 FZ1 F . -3.48 -6.16 -6.10
C37 FZ1 F . -1.68 -4.65 -5.36
C36 FZ1 F . -1.13 -4.73 -6.63
C35 FZ1 F . -1.73 -5.50 -7.64
C34 FZ1 F . -2.90 -6.21 -7.37
S SO4 G . 2.25 -13.48 18.04
O1 SO4 G . 1.56 -12.95 19.23
O2 SO4 G . 2.78 -14.80 18.41
O3 SO4 G . 1.35 -13.65 16.91
O4 SO4 G . 3.36 -12.58 17.70
S SO4 H . 18.13 -11.95 -6.44
O1 SO4 H . 17.83 -11.45 -5.10
O2 SO4 H . 19.54 -12.36 -6.52
O3 SO4 H . 17.28 -13.12 -6.73
O4 SO4 H . 17.90 -10.92 -7.46
#